data_6Q7V
#
_entry.id   6Q7V
#
_cell.length_a   109.380
_cell.length_b   119.310
_cell.length_c   114.408
_cell.angle_alpha   90.000
_cell.angle_beta   90.000
_cell.angle_gamma   90.000
#
_symmetry.space_group_name_H-M   'C 2 2 21'
#
loop_
_entity.id
_entity.type
_entity.pdbx_description
1 polymer 'Transcriptional regulator MvfR'
2 non-polymer ~{N}4-[(4-fluorophenyl)methyl]-6-(trifluoromethyl)pyridine-2,4-diamine
3 water water
#
_entity_poly.entity_id   1
_entity_poly.type   'polypeptide(L)'
_entity_poly.pdbx_seq_one_letter_code
;GPRNLRVLLDTAIPPSFCDTVSSVLLDDFNMVSLIRTSPADSLATIKQDNAEIDIAITIDEELKISRFNQCVLGYTKAFV
VAHPQHPLCNASLHSIASLANYRQISLGSRSGQHSNLLRPVSDKVLFVENFDDMLRLVEAGVGWGIAPHYFVEERLRNGT
LAVLSELYEPGGIDTKVYCYYNTALESERSFLRFLESARQRLRELGRQRFDDAPAWQPSIVETAQRRSG
;
_entity_poly.pdbx_strand_id   A,B
#
# COMPACT_ATOMS: atom_id res chain seq x y z
N ARG A 3 -9.17 26.63 -13.79
CA ARG A 3 -8.26 27.69 -14.24
C ARG A 3 -7.05 27.77 -13.32
N ASN A 4 -7.10 28.69 -12.34
CA ASN A 4 -6.03 28.77 -11.36
C ASN A 4 -5.96 27.48 -10.56
N LEU A 5 -4.74 27.03 -10.26
CA LEU A 5 -4.52 25.81 -9.51
C LEU A 5 -3.50 26.06 -8.41
N ARG A 6 -3.80 25.49 -7.24
CA ARG A 6 -2.90 25.52 -6.09
C ARG A 6 -2.67 24.08 -5.69
N VAL A 7 -1.40 23.68 -5.63
CA VAL A 7 -1.05 22.27 -5.52
C VAL A 7 -0.06 22.07 -4.38
N LEU A 8 -0.23 20.98 -3.65
CA LEU A 8 0.63 20.64 -2.52
C LEU A 8 1.31 19.32 -2.81
N LEU A 9 2.63 19.30 -2.60
CA LEU A 9 3.45 18.09 -2.73
C LEU A 9 4.20 17.90 -1.42
N ASP A 10 4.16 16.69 -0.87
CA ASP A 10 4.89 16.50 0.36
C ASP A 10 6.36 16.22 0.04
N THR A 11 7.19 16.32 1.09
CA THR A 11 8.63 16.16 0.97
C THR A 11 9.05 14.71 0.75
N ALA A 12 8.11 13.77 0.65
CA ALA A 12 8.43 12.40 0.28
C ALA A 12 8.43 12.17 -1.22
N ILE A 13 7.84 13.08 -1.99
CA ILE A 13 7.82 12.99 -3.45
C ILE A 13 9.21 13.32 -3.97
N PRO A 14 9.87 12.44 -4.72
CA PRO A 14 11.20 12.76 -5.24
C PRO A 14 11.15 13.97 -6.14
N PRO A 15 12.27 14.69 -6.28
CA PRO A 15 12.22 15.91 -7.10
C PRO A 15 11.82 15.65 -8.55
N SER A 16 12.42 14.65 -9.20
CA SER A 16 12.02 14.33 -10.56
C SER A 16 10.54 14.05 -10.64
N PHE A 17 9.97 13.48 -9.57
CA PHE A 17 8.53 13.23 -9.51
C PHE A 17 7.77 14.54 -9.41
N CYS A 18 8.23 15.45 -8.54
CA CYS A 18 7.60 16.77 -8.44
CA CYS A 18 7.60 16.77 -8.44
C CYS A 18 7.68 17.51 -9.76
N ASP A 19 8.87 17.58 -10.35
CA ASP A 19 9.04 18.30 -11.61
C ASP A 19 8.16 17.71 -12.71
N THR A 20 8.08 16.38 -12.79
CA THR A 20 7.21 15.76 -13.79
C THR A 20 5.77 16.21 -13.60
N VAL A 21 5.34 16.39 -12.36
CA VAL A 21 3.98 16.89 -12.12
C VAL A 21 3.88 18.36 -12.51
N SER A 22 4.89 19.15 -12.18
CA SER A 22 4.89 20.57 -12.49
C SER A 22 4.69 20.81 -13.98
N SER A 23 5.54 20.19 -14.81
CA SER A 23 5.49 20.45 -16.24
C SER A 23 4.11 20.17 -16.80
N VAL A 24 3.42 19.15 -16.28
CA VAL A 24 2.12 18.78 -16.82
C VAL A 24 1.05 19.79 -16.39
N LEU A 25 1.09 20.22 -15.13
CA LEU A 25 0.10 21.18 -14.67
C LEU A 25 0.21 22.51 -15.43
N LEU A 26 1.43 23.01 -15.58
CA LEU A 26 1.61 24.27 -16.32
C LEU A 26 1.16 24.12 -17.76
N ASP A 27 1.25 22.92 -18.33
CA ASP A 27 0.77 22.69 -19.69
C ASP A 27 -0.75 22.80 -19.77
N ASP A 28 -1.45 22.18 -18.82
CA ASP A 28 -2.90 22.06 -18.88
C ASP A 28 -3.63 23.15 -18.13
N PHE A 29 -2.92 23.99 -17.37
CA PHE A 29 -3.54 25.05 -16.60
C PHE A 29 -2.80 26.36 -16.83
N ASN A 30 -3.48 27.47 -16.51
CA ASN A 30 -2.90 28.79 -16.74
C ASN A 30 -1.91 29.16 -15.63
N MET A 31 -2.39 29.19 -14.39
CA MET A 31 -1.57 29.54 -13.23
C MET A 31 -1.43 28.32 -12.33
N VAL A 32 -0.25 28.14 -11.76
CA VAL A 32 0.01 27.03 -10.86
C VAL A 32 0.88 27.52 -9.72
N SER A 33 0.49 27.18 -8.49
CA SER A 33 1.25 27.50 -7.29
C SER A 33 1.58 26.20 -6.57
N LEU A 34 2.76 26.15 -5.95
CA LEU A 34 3.20 24.96 -5.26
C LEU A 34 3.41 25.25 -3.78
N ILE A 35 3.01 24.30 -2.95
CA ILE A 35 3.24 24.32 -1.52
C ILE A 35 3.89 22.99 -1.16
N ARG A 36 4.91 23.04 -0.32
CA ARG A 36 5.63 21.86 0.12
C ARG A 36 5.49 21.70 1.62
N THR A 37 5.13 20.50 2.05
CA THR A 37 4.94 20.19 3.47
C THR A 37 5.41 18.77 3.73
N SER A 38 5.66 18.45 4.98
CA SER A 38 5.96 17.07 5.32
C SER A 38 4.69 16.23 5.12
N PRO A 39 4.85 14.94 4.81
CA PRO A 39 3.65 14.10 4.64
C PRO A 39 2.76 14.09 5.86
N ALA A 40 3.31 14.36 7.05
CA ALA A 40 2.48 14.40 8.25
C ALA A 40 1.53 15.60 8.23
N ASP A 41 1.94 16.72 7.66
CA ASP A 41 1.13 17.92 7.63
C ASP A 41 0.41 18.11 6.30
N SER A 42 0.60 17.20 5.34
CA SER A 42 0.04 17.39 4.01
C SER A 42 -1.48 17.46 4.05
N LEU A 43 -2.12 16.35 4.44
CA LEU A 43 -3.58 16.31 4.44
C LEU A 43 -4.16 17.35 5.38
N ALA A 44 -3.51 17.60 6.51
CA ALA A 44 -4.02 18.60 7.45
C ALA A 44 -4.13 19.98 6.79
N THR A 45 -3.19 20.33 5.91
CA THR A 45 -3.19 21.67 5.34
C THR A 45 -4.38 21.87 4.41
N ILE A 46 -4.75 20.85 3.63
CA ILE A 46 -5.85 21.01 2.69
C ILE A 46 -7.21 20.96 3.37
N LYS A 47 -7.27 20.51 4.62
CA LYS A 47 -8.55 20.42 5.34
C LYS A 47 -8.99 21.78 5.84
N GLN A 48 -8.08 22.75 5.93
CA GLN A 48 -8.45 24.10 6.33
C GLN A 48 -9.16 24.80 5.18
N ASP A 49 -10.37 25.30 5.43
CA ASP A 49 -11.12 25.98 4.37
C ASP A 49 -10.32 27.15 3.80
N ASN A 50 -9.62 27.90 4.66
CA ASN A 50 -8.83 29.04 4.22
C ASN A 50 -7.62 28.62 3.41
N ALA A 51 -7.28 27.33 3.37
CA ALA A 51 -6.14 26.89 2.58
C ALA A 51 -6.40 27.10 1.10
N GLU A 52 -7.59 26.70 0.63
CA GLU A 52 -7.97 26.84 -0.77
C GLU A 52 -6.95 26.17 -1.68
N ILE A 53 -6.69 24.90 -1.40
CA ILE A 53 -5.77 24.08 -2.18
C ILE A 53 -6.58 23.14 -3.04
N ASP A 54 -6.29 23.12 -4.35
CA ASP A 54 -7.12 22.40 -5.30
C ASP A 54 -6.67 20.95 -5.50
N ILE A 55 -5.37 20.70 -5.45
CA ILE A 55 -4.83 19.35 -5.58
C ILE A 55 -3.77 19.16 -4.52
N ALA A 56 -3.68 17.93 -4.01
CA ALA A 56 -2.68 17.60 -2.99
C ALA A 56 -2.14 16.21 -3.29
N ILE A 57 -0.84 16.13 -3.52
CA ILE A 57 -0.16 14.89 -3.86
C ILE A 57 0.68 14.49 -2.65
N THR A 58 0.28 13.41 -1.99
CA THR A 58 0.93 12.98 -0.77
C THR A 58 0.83 11.46 -0.65
N ILE A 59 1.61 10.91 0.27
CA ILE A 59 1.56 9.48 0.58
C ILE A 59 0.58 9.17 1.69
N ASP A 60 0.14 10.18 2.44
CA ASP A 60 -0.72 10.00 3.59
C ASP A 60 -2.08 9.45 3.19
N GLU A 61 -2.56 8.46 3.95
CA GLU A 61 -3.84 7.82 3.68
C GLU A 61 -4.94 8.47 4.52
N GLU A 62 -6.09 8.69 3.89
CA GLU A 62 -7.27 9.16 4.60
C GLU A 62 -8.47 9.21 3.65
N LEU A 63 -9.37 8.25 3.78
CA LEU A 63 -10.53 8.17 2.91
C LEU A 63 -11.69 8.96 3.53
N LYS A 64 -12.61 9.40 2.66
CA LYS A 64 -13.72 10.25 3.07
C LYS A 64 -13.21 11.60 3.58
N ILE A 65 -12.69 12.38 2.63
CA ILE A 65 -12.25 13.75 2.88
C ILE A 65 -13.24 14.68 2.19
N SER A 66 -13.69 15.70 2.92
CA SER A 66 -14.66 16.63 2.37
C SER A 66 -14.08 17.40 1.20
N ARG A 67 -14.89 17.54 0.15
CA ARG A 67 -14.52 18.35 -1.01
C ARG A 67 -13.40 17.73 -1.83
N PHE A 68 -12.83 16.62 -1.36
CA PHE A 68 -11.69 16.00 -2.01
C PHE A 68 -11.96 14.54 -2.31
N ASN A 69 -11.60 14.14 -3.52
CA ASN A 69 -11.55 12.74 -3.93
C ASN A 69 -10.10 12.29 -4.00
N GLN A 70 -9.91 10.97 -4.11
CA GLN A 70 -8.58 10.38 -4.06
C GLN A 70 -8.35 9.51 -5.29
N CYS A 71 -7.11 9.48 -5.73
CA CYS A 71 -6.66 8.54 -6.74
C CYS A 71 -5.18 8.30 -6.53
N VAL A 72 -4.63 7.34 -7.28
CA VAL A 72 -3.22 6.97 -7.18
C VAL A 72 -2.51 7.53 -8.40
N LEU A 73 -1.43 8.28 -8.14
CA LEU A 73 -0.62 8.89 -9.18
C LEU A 73 0.62 8.08 -9.52
N GLY A 74 1.24 7.44 -8.54
CA GLY A 74 2.40 6.63 -8.79
C GLY A 74 2.94 6.04 -7.51
N TYR A 75 4.26 5.87 -7.41
CA TYR A 75 4.84 5.20 -6.26
C TYR A 75 6.18 5.86 -5.93
N THR A 76 6.65 5.63 -4.72
CA THR A 76 7.99 6.06 -4.31
C THR A 76 8.50 5.08 -3.25
N LYS A 77 9.81 5.08 -3.07
CA LYS A 77 10.49 4.13 -2.18
C LYS A 77 10.85 4.81 -0.87
N ALA A 78 10.84 4.03 0.21
CA ALA A 78 11.21 4.53 1.53
C ALA A 78 12.03 3.48 2.26
N PHE A 79 12.99 3.94 3.06
CA PHE A 79 13.90 3.07 3.79
C PHE A 79 13.83 3.34 5.27
N VAL A 80 14.00 2.29 6.06
CA VAL A 80 14.27 2.41 7.49
C VAL A 80 15.77 2.54 7.66
N VAL A 81 16.20 3.61 8.31
CA VAL A 81 17.62 3.96 8.37
C VAL A 81 18.03 4.16 9.81
N ALA A 82 19.29 3.90 10.11
CA ALA A 82 19.84 4.08 11.44
C ALA A 82 21.35 4.24 11.32
N HIS A 83 21.94 4.80 12.37
CA HIS A 83 23.38 4.98 12.39
C HIS A 83 24.08 3.65 12.13
N PRO A 84 25.11 3.61 11.28
CA PRO A 84 25.75 2.32 10.98
C PRO A 84 26.12 1.50 12.20
N GLN A 85 26.58 2.12 13.28
CA GLN A 85 26.91 1.40 14.51
C GLN A 85 25.71 1.21 15.43
N HIS A 86 24.50 1.52 14.96
CA HIS A 86 23.31 1.29 15.76
C HIS A 86 23.23 -0.17 16.17
N PRO A 87 22.63 -0.46 17.33
CA PRO A 87 22.52 -1.87 17.75
C PRO A 87 21.95 -2.78 16.69
N LEU A 88 20.84 -2.38 16.06
CA LEU A 88 20.16 -3.27 15.14
C LEU A 88 21.01 -3.56 13.90
N CYS A 89 21.92 -2.65 13.54
CA CYS A 89 22.79 -2.90 12.40
C CYS A 89 23.56 -4.19 12.58
N ASN A 90 24.14 -4.40 13.76
CA ASN A 90 24.96 -5.58 13.98
C ASN A 90 24.16 -6.86 13.73
N ALA A 91 22.88 -6.86 14.08
CA ALA A 91 22.00 -7.95 13.68
C ALA A 91 21.93 -7.99 12.15
N SER A 92 22.47 -9.06 11.54
CA SER A 92 22.46 -9.14 10.09
C SER A 92 21.03 -9.20 9.54
N LEU A 93 20.10 -9.80 10.29
CA LEU A 93 18.71 -9.91 9.90
C LEU A 93 17.83 -9.14 10.88
N HIS A 94 16.95 -8.30 10.36
CA HIS A 94 16.09 -7.45 11.17
C HIS A 94 14.63 -7.82 10.98
N SER A 95 13.84 -7.49 12.00
CA SER A 95 12.39 -7.67 11.97
C SER A 95 11.77 -6.38 12.50
N ILE A 96 10.48 -6.22 12.25
CA ILE A 96 9.80 -4.99 12.66
C ILE A 96 9.30 -5.07 14.10
N ALA A 97 9.04 -6.27 14.60
CA ALA A 97 8.60 -6.40 16.00
C ALA A 97 9.65 -5.88 16.97
N SER A 98 10.93 -5.92 16.59
CA SER A 98 11.99 -5.53 17.51
C SER A 98 12.15 -4.02 17.59
N LEU A 99 11.81 -3.30 16.52
CA LEU A 99 11.99 -1.86 16.51
C LEU A 99 11.19 -1.18 17.61
N ALA A 100 10.06 -1.77 18.01
CA ALA A 100 9.20 -1.15 19.00
C ALA A 100 9.96 -0.81 20.28
N ASN A 101 11.03 -1.53 20.58
CA ASN A 101 11.79 -1.31 21.80
C ASN A 101 12.84 -0.22 21.66
N TYR A 102 13.17 0.20 20.45
CA TYR A 102 14.14 1.27 20.24
C TYR A 102 13.45 2.58 19.90
N ARG A 103 14.13 3.69 20.20
CA ARG A 103 13.56 5.00 19.95
C ARG A 103 13.52 5.28 18.45
N GLN A 104 12.43 5.91 18.01
CA GLN A 104 12.22 6.24 16.61
C GLN A 104 12.19 7.75 16.45
N ILE A 105 12.86 8.24 15.41
CA ILE A 105 12.81 9.63 15.00
C ILE A 105 11.76 9.72 13.90
N SER A 106 10.59 10.27 14.22
CA SER A 106 9.46 10.29 13.31
C SER A 106 9.07 11.71 12.95
N LEU A 107 8.16 11.81 11.97
CA LEU A 107 7.61 13.08 11.54
C LEU A 107 6.36 13.43 12.35
N GLY A 108 5.77 14.57 12.03
CA GLY A 108 4.53 14.96 12.66
C GLY A 108 4.76 15.63 13.99
N SER A 109 3.67 15.77 14.72
CA SER A 109 3.68 16.39 16.04
C SER A 109 3.20 15.37 17.06
N ARG A 110 3.63 15.56 18.31
CA ARG A 110 3.21 14.68 19.39
C ARG A 110 1.70 14.78 19.62
N SER A 111 1.18 16.01 19.68
CA SER A 111 -0.25 16.27 19.73
C SER A 111 -0.81 16.32 18.31
N GLY A 112 -1.98 15.71 18.12
CA GLY A 112 -2.55 15.62 16.79
C GLY A 112 -2.53 14.21 16.24
N GLN A 113 -3.70 13.71 15.84
CA GLN A 113 -3.82 12.33 15.43
C GLN A 113 -2.89 12.04 14.26
N HIS A 114 -2.36 10.82 14.23
CA HIS A 114 -1.51 10.34 13.16
C HIS A 114 -2.24 9.29 12.35
N SER A 115 -2.14 9.40 11.02
CA SER A 115 -2.68 8.37 10.15
C SER A 115 -2.03 7.02 10.47
N ASN A 116 -2.77 5.94 10.21
CA ASN A 116 -2.23 4.60 10.40
C ASN A 116 -0.93 4.41 9.64
N LEU A 117 -0.70 5.19 8.58
CA LEU A 117 0.51 5.05 7.78
C LEU A 117 1.72 5.65 8.48
N LEU A 118 1.58 6.87 8.98
CA LEU A 118 2.69 7.61 9.56
C LEU A 118 2.73 7.51 11.08
N ARG A 119 1.81 6.76 11.67
CA ARG A 119 1.81 6.57 13.12
C ARG A 119 3.14 5.98 13.56
N PRO A 120 3.79 6.56 14.57
CA PRO A 120 5.04 5.97 15.05
C PRO A 120 4.81 4.58 15.63
N VAL A 121 5.78 3.69 15.40
CA VAL A 121 5.64 2.31 15.85
C VAL A 121 6.14 2.12 17.27
N SER A 122 7.17 2.86 17.67
CA SER A 122 7.79 2.64 18.97
C SER A 122 7.03 3.41 20.05
N ASP A 123 7.10 2.89 21.27
CA ASP A 123 6.54 3.64 22.40
C ASP A 123 7.43 4.82 22.76
N LYS A 124 8.75 4.64 22.66
CA LYS A 124 9.70 5.73 22.82
C LYS A 124 9.89 6.39 21.46
N VAL A 125 9.43 7.63 21.32
CA VAL A 125 9.46 8.33 20.04
C VAL A 125 9.97 9.75 20.27
N LEU A 126 10.61 10.29 19.23
CA LEU A 126 11.10 11.66 19.24
C LEU A 126 10.71 12.30 17.92
N PHE A 127 9.88 13.34 17.98
CA PHE A 127 9.29 13.92 16.79
C PHE A 127 10.19 15.02 16.22
N VAL A 128 10.04 15.26 14.92
CA VAL A 128 10.78 16.31 14.22
C VAL A 128 9.88 16.85 13.12
N GLU A 129 10.16 18.08 12.70
CA GLU A 129 9.26 18.79 11.78
C GLU A 129 9.49 18.37 10.33
N ASN A 130 10.74 18.13 9.94
CA ASN A 130 11.07 17.79 8.56
C ASN A 130 12.08 16.63 8.57
N PHE A 131 12.48 16.21 7.36
CA PHE A 131 13.38 15.07 7.25
C PHE A 131 14.82 15.43 7.60
N ASP A 132 15.25 16.65 7.32
CA ASP A 132 16.60 17.06 7.70
C ASP A 132 16.83 16.83 9.18
N ASP A 133 15.91 17.32 10.02
CA ASP A 133 16.06 17.13 11.45
C ASP A 133 16.01 15.66 11.83
N MET A 134 15.23 14.85 11.10
CA MET A 134 15.19 13.42 11.40
C MET A 134 16.57 12.80 11.19
N LEU A 135 17.18 13.03 10.02
CA LEU A 135 18.47 12.43 9.73
C LEU A 135 19.55 12.98 10.65
N ARG A 136 19.47 14.26 11.01
CA ARG A 136 20.43 14.84 11.95
C ARG A 136 20.48 14.04 13.25
N LEU A 137 19.31 13.60 13.74
CA LEU A 137 19.27 12.82 14.96
C LEU A 137 19.63 11.36 14.71
N VAL A 138 19.20 10.81 13.57
CA VAL A 138 19.50 9.41 13.27
C VAL A 138 21.00 9.23 13.06
N GLU A 139 21.61 10.13 12.28
CA GLU A 139 23.05 10.07 12.09
C GLU A 139 23.80 10.21 13.41
N ALA A 140 23.26 10.98 14.35
CA ALA A 140 23.84 11.07 15.69
C ALA A 140 23.60 9.82 16.53
N GLY A 141 22.97 8.80 15.97
CA GLY A 141 22.71 7.57 16.71
C GLY A 141 21.57 7.66 17.70
N VAL A 142 20.80 8.76 17.68
CA VAL A 142 19.69 8.91 18.63
C VAL A 142 18.65 7.81 18.41
N GLY A 143 18.45 7.41 17.17
CA GLY A 143 17.47 6.38 16.88
C GLY A 143 17.43 6.08 15.40
N TRP A 144 16.35 5.42 14.99
CA TRP A 144 16.13 5.05 13.60
C TRP A 144 14.93 5.84 13.06
N GLY A 145 14.78 5.81 11.74
CA GLY A 145 13.70 6.57 11.12
C GLY A 145 13.35 6.03 9.75
N ILE A 146 12.25 6.56 9.22
CA ILE A 146 11.75 6.21 7.89
C ILE A 146 11.89 7.43 7.02
N ALA A 147 12.71 7.32 5.98
CA ALA A 147 12.99 8.45 5.10
C ALA A 147 12.78 8.04 3.65
N PRO A 148 12.51 9.00 2.78
CA PRO A 148 12.40 8.68 1.34
C PRO A 148 13.73 8.20 0.79
N HIS A 149 13.64 7.52 -0.35
CA HIS A 149 14.84 7.03 -1.01
C HIS A 149 15.75 8.18 -1.42
N TYR A 150 15.20 9.18 -2.12
CA TYR A 150 16.02 10.26 -2.64
C TYR A 150 16.73 11.04 -1.54
N PHE A 151 16.15 11.07 -0.34
CA PHE A 151 16.73 11.85 0.75
C PHE A 151 17.95 11.17 1.38
N VAL A 152 18.04 9.85 1.30
CA VAL A 152 19.09 9.08 1.95
CA VAL A 152 19.10 9.10 1.95
C VAL A 152 19.99 8.36 0.96
N GLU A 153 19.69 8.42 -0.34
CA GLU A 153 20.55 7.78 -1.34
C GLU A 153 22.00 8.21 -1.17
N GLU A 154 22.22 9.49 -0.93
CA GLU A 154 23.58 10.00 -0.79
C GLU A 154 24.24 9.46 0.47
N ARG A 155 23.58 9.64 1.63
CA ARG A 155 24.14 9.16 2.89
C ARG A 155 24.36 7.65 2.90
N LEU A 156 23.70 6.89 2.02
CA LEU A 156 23.94 5.45 1.97
C LEU A 156 25.17 5.12 1.13
N ARG A 157 25.28 5.71 -0.06
CA ARG A 157 26.45 5.49 -0.90
C ARG A 157 27.73 5.80 -0.13
N ASN A 158 27.69 6.81 0.74
CA ASN A 158 28.86 7.22 1.50
C ASN A 158 28.99 6.49 2.83
N GLY A 159 28.24 5.41 3.04
CA GLY A 159 28.33 4.65 4.27
C GLY A 159 28.02 5.46 5.52
N THR A 160 27.52 6.68 5.33
CA THR A 160 27.15 7.51 6.47
C THR A 160 25.93 6.98 7.20
N LEU A 161 25.19 6.07 6.59
CA LEU A 161 23.92 5.63 7.15
C LEU A 161 23.62 4.22 6.65
N ALA A 162 22.90 3.46 7.48
CA ALA A 162 22.60 2.07 7.21
C ALA A 162 21.10 1.89 6.94
N VAL A 163 20.75 0.70 6.46
CA VAL A 163 19.38 0.35 6.13
C VAL A 163 18.99 -0.88 6.94
N LEU A 164 17.78 -0.88 7.48
CA LEU A 164 17.26 -1.99 8.26
C LEU A 164 16.13 -2.74 7.58
N SER A 165 15.60 -2.23 6.48
CA SER A 165 14.37 -2.74 5.88
C SER A 165 14.60 -3.77 4.79
N GLU A 166 15.83 -4.22 4.58
CA GLU A 166 16.09 -5.08 3.43
C GLU A 166 15.42 -6.44 3.57
N LEU A 167 15.26 -6.94 4.79
CA LEU A 167 14.48 -8.16 4.95
C LEU A 167 13.01 -7.89 4.70
N TYR A 168 12.48 -6.80 5.26
CA TYR A 168 11.05 -6.51 5.16
C TYR A 168 10.64 -6.33 3.70
N GLU A 169 11.29 -5.42 3.00
CA GLU A 169 11.04 -5.21 1.57
C GLU A 169 12.35 -4.79 0.92
N PRO A 170 13.06 -5.73 0.29
CA PRO A 170 14.32 -5.37 -0.36
C PRO A 170 14.12 -4.28 -1.41
N GLY A 171 15.13 -3.43 -1.55
CA GLY A 171 15.10 -2.37 -2.53
C GLY A 171 14.23 -1.19 -2.16
N GLY A 172 13.88 -1.05 -0.91
CA GLY A 172 13.00 0.02 -0.48
C GLY A 172 11.57 -0.45 -0.36
N ILE A 173 10.78 0.34 0.36
CA ILE A 173 9.41 -0.02 0.69
C ILE A 173 8.49 0.82 -0.18
N ASP A 174 7.91 0.17 -1.19
CA ASP A 174 7.04 0.87 -2.12
C ASP A 174 5.90 1.53 -1.36
N THR A 175 5.70 2.83 -1.62
CA THR A 175 4.66 3.61 -0.96
C THR A 175 3.84 4.31 -2.03
N LYS A 176 2.53 4.08 -2.03
CA LYS A 176 1.65 4.72 -3.00
C LYS A 176 1.71 6.23 -2.84
N VAL A 177 1.64 6.94 -3.97
CA VAL A 177 1.58 8.39 -4.00
C VAL A 177 0.18 8.75 -4.47
N TYR A 178 -0.64 9.26 -3.57
CA TYR A 178 -2.03 9.59 -3.88
C TYR A 178 -2.13 11.00 -4.41
N CYS A 179 -3.18 11.25 -5.19
CA CYS A 179 -3.51 12.58 -5.67
C CYS A 179 -4.92 12.89 -5.17
N TYR A 180 -5.00 13.71 -4.12
CA TYR A 180 -6.27 14.19 -3.64
C TYR A 180 -6.66 15.43 -4.44
N TYR A 181 -7.78 15.35 -5.15
CA TYR A 181 -8.22 16.42 -6.03
C TYR A 181 -9.57 16.96 -5.57
N ASN A 182 -9.69 18.28 -5.53
CA ASN A 182 -10.96 18.91 -5.24
C ASN A 182 -12.04 18.32 -6.13
N THR A 183 -13.19 18.01 -5.53
CA THR A 183 -14.25 17.34 -6.27
C THR A 183 -14.60 18.07 -7.57
N ALA A 184 -14.43 19.39 -7.59
CA ALA A 184 -14.82 20.17 -8.77
C ALA A 184 -14.02 19.76 -10.00
N LEU A 185 -12.74 19.46 -9.84
CA LEU A 185 -11.88 19.15 -10.98
C LEU A 185 -12.29 17.89 -11.73
N GLU A 186 -13.16 17.06 -11.14
CA GLU A 186 -13.47 15.78 -11.79
C GLU A 186 -14.10 15.98 -13.17
N SER A 187 -14.85 17.07 -13.35
CA SER A 187 -15.53 17.33 -14.62
C SER A 187 -14.81 18.39 -15.45
N GLU A 188 -13.48 18.37 -15.45
CA GLU A 188 -12.70 19.34 -16.19
C GLU A 188 -11.71 18.60 -17.08
N ARG A 189 -11.76 18.86 -18.39
CA ARG A 189 -10.90 18.16 -19.33
C ARG A 189 -9.43 18.37 -19.00
N SER A 190 -9.07 19.50 -18.40
CA SER A 190 -7.67 19.74 -18.06
C SER A 190 -7.18 18.76 -17.00
N PHE A 191 -8.03 18.46 -16.01
CA PHE A 191 -7.58 17.58 -14.93
C PHE A 191 -7.32 16.17 -15.45
N LEU A 192 -8.23 15.63 -16.27
CA LEU A 192 -8.04 14.28 -16.78
C LEU A 192 -6.77 14.17 -17.63
N ARG A 193 -6.54 15.14 -18.52
CA ARG A 193 -5.31 15.14 -19.30
C ARG A 193 -4.09 15.19 -18.39
N PHE A 194 -4.18 15.91 -17.28
CA PHE A 194 -3.06 15.99 -16.35
C PHE A 194 -2.76 14.62 -15.75
N LEU A 195 -3.80 13.89 -15.32
CA LEU A 195 -3.59 12.56 -14.78
C LEU A 195 -2.98 11.65 -15.84
N GLU A 196 -3.64 11.55 -17.00
CA GLU A 196 -3.16 10.67 -18.06
C GLU A 196 -1.71 10.96 -18.40
N SER A 197 -1.35 12.24 -18.53
CA SER A 197 0.02 12.59 -18.88
C SER A 197 0.97 12.37 -17.71
N ALA A 198 0.62 12.92 -16.54
CA ALA A 198 1.49 12.77 -15.37
C ALA A 198 1.75 11.29 -15.06
N ARG A 199 0.71 10.46 -15.15
CA ARG A 199 0.89 9.05 -14.84
C ARG A 199 1.80 8.37 -15.85
N GLN A 200 1.59 8.63 -17.14
CA GLN A 200 2.42 8.02 -18.17
C GLN A 200 3.89 8.42 -17.98
N ARG A 201 4.14 9.70 -17.76
CA ARG A 201 5.50 10.17 -17.58
C ARG A 201 6.11 9.59 -16.31
N LEU A 202 5.32 9.47 -15.25
CA LEU A 202 5.86 8.92 -14.00
C LEU A 202 6.16 7.43 -14.14
N ARG A 203 5.40 6.71 -14.98
CA ARG A 203 5.71 5.30 -15.21
C ARG A 203 7.02 5.16 -15.96
N GLU A 204 7.15 5.82 -17.12
CA GLU A 204 8.41 5.78 -17.87
C GLU A 204 9.57 6.16 -16.96
N LEU A 205 9.37 7.18 -16.13
CA LEU A 205 10.40 7.61 -15.20
C LEU A 205 10.75 6.49 -14.22
N GLY A 206 9.73 5.85 -13.65
CA GLY A 206 9.97 4.77 -12.70
C GLY A 206 10.79 3.63 -13.30
N ARG A 207 10.63 3.38 -14.60
CA ARG A 207 11.43 2.36 -15.27
C ARG A 207 12.91 2.75 -15.28
N GLN A 208 13.19 4.03 -15.52
CA GLN A 208 14.57 4.51 -15.59
C GLN A 208 15.20 4.59 -14.21
N ASN B 4 5.78 -31.29 8.64
CA ASN B 4 6.93 -30.53 9.08
C ASN B 4 6.65 -29.03 9.03
N LEU B 5 5.98 -28.59 7.96
CA LEU B 5 5.67 -27.17 7.75
C LEU B 5 4.21 -27.03 7.32
N ARG B 6 3.54 -26.00 7.86
CA ARG B 6 2.16 -25.68 7.52
C ARG B 6 2.07 -24.25 7.05
N VAL B 7 1.46 -24.05 5.87
CA VAL B 7 1.48 -22.77 5.17
C VAL B 7 0.05 -22.41 4.78
N LEU B 8 -0.27 -21.12 4.86
CA LEU B 8 -1.60 -20.61 4.53
C LEU B 8 -1.48 -19.62 3.38
N LEU B 9 -2.34 -19.77 2.38
CA LEU B 9 -2.41 -18.85 1.25
C LEU B 9 -3.85 -18.37 1.11
N ASP B 10 -4.07 -17.07 1.03
CA ASP B 10 -5.45 -16.65 0.85
C ASP B 10 -5.83 -16.71 -0.63
N THR B 11 -7.14 -16.61 -0.88
CA THR B 11 -7.66 -16.73 -2.23
C THR B 11 -7.40 -15.49 -3.09
N ALA B 12 -6.70 -14.49 -2.57
CA ALA B 12 -6.28 -13.36 -3.39
C ALA B 12 -4.92 -13.59 -4.03
N ILE B 13 -4.16 -14.57 -3.55
CA ILE B 13 -2.87 -14.95 -4.13
C ILE B 13 -3.16 -15.70 -5.42
N PRO B 14 -2.64 -15.26 -6.57
CA PRO B 14 -2.90 -16.01 -7.79
C PRO B 14 -2.43 -17.43 -7.68
N PRO B 15 -3.03 -18.36 -8.41
CA PRO B 15 -2.65 -19.77 -8.26
C PRO B 15 -1.19 -20.04 -8.58
N SER B 16 -0.65 -19.41 -9.63
CA SER B 16 0.74 -19.63 -9.99
C SER B 16 1.69 -19.38 -8.83
N PHE B 17 1.35 -18.44 -7.94
CA PHE B 17 2.21 -18.23 -6.78
C PHE B 17 2.13 -19.40 -5.81
N CYS B 18 0.92 -19.94 -5.60
CA CYS B 18 0.81 -21.16 -4.81
C CYS B 18 1.69 -22.27 -5.37
N ASP B 19 2.09 -22.16 -6.63
CA ASP B 19 2.99 -23.14 -7.24
C ASP B 19 4.44 -22.82 -6.91
N THR B 20 4.83 -21.54 -7.00
CA THR B 20 6.19 -21.15 -6.65
C THR B 20 6.49 -21.47 -5.18
N VAL B 21 5.49 -21.34 -4.30
CA VAL B 21 5.69 -21.66 -2.90
C VAL B 21 5.87 -23.18 -2.72
N SER B 22 5.04 -23.97 -3.39
CA SER B 22 5.11 -25.42 -3.25
C SER B 22 6.49 -25.94 -3.64
N SER B 23 6.93 -25.64 -4.86
CA SER B 23 8.18 -26.22 -5.37
C SER B 23 9.37 -25.87 -4.49
N VAL B 24 9.41 -24.65 -3.96
CA VAL B 24 10.58 -24.21 -3.19
C VAL B 24 10.57 -24.80 -1.79
N LEU B 25 9.42 -24.79 -1.12
CA LEU B 25 9.34 -25.34 0.23
C LEU B 25 9.61 -26.84 0.23
N LEU B 26 9.01 -27.58 -0.70
CA LEU B 26 9.24 -29.01 -0.78
C LEU B 26 10.71 -29.32 -1.03
N ASP B 27 11.40 -28.41 -1.70
CA ASP B 27 12.84 -28.57 -1.89
C ASP B 27 13.58 -28.45 -0.57
N ASP B 28 13.18 -27.49 0.27
CA ASP B 28 13.90 -27.17 1.49
C ASP B 28 13.35 -27.89 2.72
N PHE B 29 12.18 -28.53 2.63
CA PHE B 29 11.58 -29.23 3.77
C PHE B 29 11.11 -30.61 3.35
N ASN B 30 10.90 -31.45 4.36
CA ASN B 30 10.46 -32.83 4.11
C ASN B 30 8.97 -32.87 3.80
N MET B 31 8.14 -32.40 4.72
CA MET B 31 6.70 -32.35 4.53
C MET B 31 6.24 -30.89 4.54
N VAL B 32 5.25 -30.60 3.71
CA VAL B 32 4.69 -29.26 3.60
C VAL B 32 3.18 -29.40 3.47
N SER B 33 2.44 -28.60 4.24
CA SER B 33 0.98 -28.60 4.18
C SER B 33 0.50 -27.23 3.74
N LEU B 34 -0.54 -27.23 2.90
CA LEU B 34 -1.08 -26.01 2.32
C LEU B 34 -2.55 -25.87 2.68
N ILE B 35 -2.97 -24.66 3.02
CA ILE B 35 -4.36 -24.35 3.30
C ILE B 35 -4.76 -23.10 2.52
N ARG B 36 -5.99 -23.09 1.99
CA ARG B 36 -6.53 -21.96 1.27
C ARG B 36 -7.71 -21.38 2.06
N THR B 37 -7.70 -20.06 2.25
CA THR B 37 -8.75 -19.38 3.00
C THR B 37 -9.03 -18.04 2.34
N SER B 38 -10.18 -17.47 2.69
CA SER B 38 -10.49 -16.13 2.23
C SER B 38 -9.55 -15.12 2.89
N PRO B 39 -9.26 -14.00 2.23
CA PRO B 39 -8.39 -13.00 2.86
C PRO B 39 -8.95 -12.49 4.17
N ALA B 40 -10.27 -12.53 4.34
CA ALA B 40 -10.87 -12.13 5.61
C ALA B 40 -10.55 -13.12 6.72
N ASP B 41 -10.41 -14.40 6.38
CA ASP B 41 -10.18 -15.45 7.36
C ASP B 41 -8.72 -15.82 7.52
N SER B 42 -7.82 -15.19 6.74
CA SER B 42 -6.41 -15.59 6.77
C SER B 42 -5.80 -15.34 8.13
N LEU B 43 -5.72 -14.06 8.54
CA LEU B 43 -5.07 -13.73 9.81
C LEU B 43 -5.79 -14.38 10.97
N ALA B 44 -7.12 -14.45 10.91
CA ALA B 44 -7.89 -15.07 11.99
C ALA B 44 -7.49 -16.54 12.18
N THR B 45 -7.23 -17.24 11.08
CA THR B 45 -6.96 -18.68 11.17
C THR B 45 -5.62 -18.95 11.87
N ILE B 46 -4.61 -18.12 11.61
CA ILE B 46 -3.29 -18.39 12.17
C ILE B 46 -3.21 -18.01 13.65
N LYS B 47 -4.16 -17.23 14.15
CA LYS B 47 -4.14 -16.82 15.55
C LYS B 47 -4.68 -17.88 16.50
N GLN B 48 -5.35 -18.92 16.00
CA GLN B 48 -5.83 -20.00 16.86
C GLN B 48 -4.65 -20.83 17.37
N ASP B 49 -4.58 -21.01 18.68
CA ASP B 49 -3.48 -21.78 19.26
C ASP B 49 -3.40 -23.17 18.65
N ASN B 50 -4.55 -23.82 18.47
CA ASN B 50 -4.58 -25.16 17.88
C ASN B 50 -4.24 -25.18 16.39
N ALA B 51 -4.19 -24.01 15.74
CA ALA B 51 -3.91 -23.99 14.30
C ALA B 51 -2.47 -24.41 14.01
N GLU B 52 -1.51 -23.83 14.71
CA GLU B 52 -0.09 -24.16 14.53
C GLU B 52 0.33 -24.02 13.07
N ILE B 53 0.12 -22.81 12.53
CA ILE B 53 0.49 -22.49 11.16
C ILE B 53 1.78 -21.67 11.17
N ASP B 54 2.75 -22.10 10.38
CA ASP B 54 4.10 -21.54 10.43
C ASP B 54 4.27 -20.36 9.48
N ILE B 55 3.65 -20.41 8.31
CA ILE B 55 3.72 -19.33 7.33
C ILE B 55 2.33 -19.03 6.83
N ALA B 56 2.09 -17.75 6.54
CA ALA B 56 0.80 -17.30 6.01
C ALA B 56 1.07 -16.22 4.99
N ILE B 57 0.62 -16.43 3.76
CA ILE B 57 0.81 -15.49 2.66
C ILE B 57 -0.56 -14.89 2.36
N THR B 58 -0.73 -13.61 2.69
CA THR B 58 -2.02 -12.98 2.56
C THR B 58 -1.84 -11.49 2.28
N ILE B 59 -2.93 -10.86 1.85
CA ILE B 59 -2.94 -9.42 1.62
C ILE B 59 -3.40 -8.65 2.85
N ASP B 60 -4.01 -9.34 3.82
CA ASP B 60 -4.57 -8.65 4.98
C ASP B 60 -3.45 -8.03 5.79
N GLU B 61 -3.60 -6.77 6.14
CA GLU B 61 -2.61 -6.03 6.92
C GLU B 61 -3.01 -6.03 8.38
N GLU B 62 -2.01 -6.22 9.24
CA GLU B 62 -2.21 -6.13 10.68
C GLU B 62 -0.86 -6.26 11.37
N LEU B 63 -0.35 -5.15 11.89
CA LEU B 63 0.97 -5.13 12.50
C LEU B 63 0.87 -5.49 13.98
N LYS B 64 2.00 -5.99 14.51
CA LYS B 64 2.07 -6.47 15.88
C LYS B 64 1.12 -7.65 16.10
N ILE B 65 1.50 -8.78 15.49
CA ILE B 65 0.81 -10.05 15.68
C ILE B 65 1.72 -10.95 16.52
N SER B 66 1.14 -11.56 17.54
CA SER B 66 1.93 -12.40 18.43
C SER B 66 2.50 -13.59 17.68
N ARG B 67 3.76 -13.91 17.98
CA ARG B 67 4.45 -15.07 17.43
C ARG B 67 4.77 -14.94 15.96
N PHE B 68 4.31 -13.86 15.31
CA PHE B 68 4.47 -13.71 13.87
C PHE B 68 5.14 -12.38 13.55
N ASN B 69 6.09 -12.44 12.62
CA ASN B 69 6.69 -11.27 12.01
C ASN B 69 6.12 -11.11 10.61
N GLN B 70 6.35 -9.93 10.02
CA GLN B 70 5.76 -9.60 8.75
C GLN B 70 6.84 -9.17 7.77
N CYS B 71 6.61 -9.50 6.50
CA CYS B 71 7.40 -8.95 5.40
C CYS B 71 6.52 -8.95 4.16
N VAL B 72 7.00 -8.30 3.11
CA VAL B 72 6.28 -8.19 1.85
C VAL B 72 6.99 -9.06 0.81
N LEU B 73 6.22 -9.86 0.08
CA LEU B 73 6.78 -10.69 -0.97
C LEU B 73 6.68 -10.03 -2.34
N GLY B 74 5.63 -9.25 -2.58
CA GLY B 74 5.46 -8.58 -3.84
C GLY B 74 4.16 -7.81 -3.93
N TYR B 75 3.54 -7.88 -5.10
CA TYR B 75 2.28 -7.19 -5.37
C TYR B 75 1.37 -8.07 -6.20
N THR B 76 0.09 -7.71 -6.17
CA THR B 76 -0.92 -8.32 -7.00
C THR B 76 -1.99 -7.26 -7.26
N LYS B 77 -2.74 -7.45 -8.33
CA LYS B 77 -3.71 -6.46 -8.77
C LYS B 77 -5.12 -6.88 -8.39
N ALA B 78 -5.96 -5.89 -8.12
CA ALA B 78 -7.36 -6.10 -7.80
C ALA B 78 -8.19 -5.02 -8.47
N PHE B 79 -9.38 -5.39 -8.91
CA PHE B 79 -10.26 -4.49 -9.64
C PHE B 79 -11.58 -4.33 -8.92
N VAL B 80 -12.15 -3.13 -9.00
CA VAL B 80 -13.53 -2.89 -8.62
C VAL B 80 -14.38 -3.19 -9.84
N VAL B 81 -15.33 -4.11 -9.69
CA VAL B 81 -16.08 -4.66 -10.80
C VAL B 81 -17.57 -4.57 -10.51
N ALA B 82 -18.36 -4.45 -11.58
CA ALA B 82 -19.80 -4.37 -11.47
C ALA B 82 -20.40 -4.85 -12.80
N HIS B 83 -21.68 -5.18 -12.76
CA HIS B 83 -22.35 -5.66 -13.96
C HIS B 83 -22.14 -4.65 -15.09
N PRO B 84 -21.83 -5.12 -16.31
CA PRO B 84 -21.57 -4.14 -17.40
C PRO B 84 -22.64 -3.07 -17.52
N GLN B 85 -23.91 -3.44 -17.37
CA GLN B 85 -25.00 -2.47 -17.43
C GLN B 85 -25.27 -1.83 -16.08
N HIS B 86 -24.43 -2.07 -15.08
CA HIS B 86 -24.58 -1.41 -13.79
C HIS B 86 -24.54 0.10 -14.01
N PRO B 87 -25.27 0.87 -13.20
CA PRO B 87 -25.26 2.33 -13.40
C PRO B 87 -23.88 2.97 -13.44
N LEU B 88 -22.99 2.61 -12.53
CA LEU B 88 -21.73 3.32 -12.42
C LEU B 88 -20.86 3.12 -13.65
N CYS B 89 -21.02 2.01 -14.36
CA CYS B 89 -20.32 1.82 -15.62
C CYS B 89 -20.72 2.90 -16.62
N ASN B 90 -22.02 3.07 -16.81
CA ASN B 90 -22.55 4.03 -17.77
C ASN B 90 -22.14 5.45 -17.43
N ALA B 91 -21.92 5.74 -16.15
CA ALA B 91 -21.37 7.04 -15.77
C ALA B 91 -20.09 7.29 -16.55
N SER B 92 -20.12 8.27 -17.45
CA SER B 92 -18.96 8.55 -18.29
C SER B 92 -17.76 8.92 -17.45
N LEU B 93 -17.98 9.50 -16.28
CA LEU B 93 -16.92 9.85 -15.34
C LEU B 93 -17.05 8.94 -14.14
N HIS B 94 -15.94 8.34 -13.72
CA HIS B 94 -15.94 7.38 -12.63
C HIS B 94 -15.28 8.00 -11.40
N SER B 95 -15.84 7.71 -10.23
CA SER B 95 -15.28 8.14 -8.97
C SER B 95 -15.51 7.06 -7.93
N ILE B 96 -14.69 7.12 -6.88
CA ILE B 96 -14.84 6.19 -5.76
C ILE B 96 -15.67 6.78 -4.62
N ALA B 97 -15.75 8.11 -4.49
CA ALA B 97 -16.55 8.71 -3.44
C ALA B 97 -18.01 8.28 -3.55
N SER B 98 -18.46 7.97 -4.76
CA SER B 98 -19.86 7.65 -5.00
C SER B 98 -20.21 6.20 -4.64
N LEU B 99 -19.23 5.29 -4.66
CA LEU B 99 -19.54 3.88 -4.45
C LEU B 99 -20.21 3.65 -3.10
N ALA B 100 -19.91 4.48 -2.11
CA ALA B 100 -20.49 4.31 -0.78
C ALA B 100 -22.01 4.28 -0.83
N ASN B 101 -22.62 4.87 -1.86
CA ASN B 101 -24.07 4.96 -1.96
C ASN B 101 -24.72 3.71 -2.54
N TYR B 102 -23.95 2.83 -3.17
CA TYR B 102 -24.45 1.60 -3.74
C TYR B 102 -24.09 0.40 -2.86
N ARG B 103 -24.87 -0.66 -2.99
CA ARG B 103 -24.61 -1.87 -2.22
C ARG B 103 -23.33 -2.53 -2.72
N GLN B 104 -22.55 -3.05 -1.77
CA GLN B 104 -21.29 -3.71 -2.06
C GLN B 104 -21.37 -5.18 -1.68
N ILE B 105 -20.84 -6.04 -2.53
CA ILE B 105 -20.69 -7.46 -2.23
C ILE B 105 -19.28 -7.63 -1.69
N SER B 106 -19.15 -7.83 -0.38
CA SER B 106 -17.85 -7.90 0.27
C SER B 106 -17.66 -9.28 0.90
N LEU B 107 -16.44 -9.53 1.35
CA LEU B 107 -16.11 -10.78 2.02
C LEU B 107 -16.32 -10.64 3.53
N GLY B 108 -16.12 -11.74 4.24
CA GLY B 108 -16.15 -11.73 5.69
C GLY B 108 -17.56 -11.82 6.25
N SER B 109 -17.64 -11.61 7.56
CA SER B 109 -18.90 -11.62 8.29
C SER B 109 -19.07 -10.30 9.03
N ARG B 110 -20.33 -9.99 9.36
CA ARG B 110 -20.60 -8.79 10.15
C ARG B 110 -19.94 -8.90 11.53
N SER B 111 -20.06 -10.06 12.16
CA SER B 111 -19.37 -10.30 13.43
C SER B 111 -17.93 -10.70 13.14
N GLY B 112 -17.00 -10.06 13.82
CA GLY B 112 -15.58 -10.23 13.58
C GLY B 112 -15.06 -9.01 12.85
N GLN B 113 -14.11 -8.31 13.46
CA GLN B 113 -13.65 -7.05 12.87
C GLN B 113 -12.96 -7.31 11.54
N HIS B 114 -13.05 -6.32 10.66
CA HIS B 114 -12.36 -6.34 9.37
C HIS B 114 -11.21 -5.36 9.43
N SER B 115 -10.06 -5.78 8.92
CA SER B 115 -8.93 -4.87 8.81
C SER B 115 -9.33 -3.65 7.99
N ASN B 116 -8.62 -2.55 8.22
CA ASN B 116 -8.88 -1.33 7.45
C ASN B 116 -8.82 -1.61 5.95
N LEU B 117 -8.16 -2.69 5.55
CA LEU B 117 -8.04 -3.02 4.14
C LEU B 117 -9.33 -3.60 3.58
N LEU B 118 -9.92 -4.58 4.28
CA LEU B 118 -11.09 -5.30 3.80
C LEU B 118 -12.40 -4.79 4.37
N ARG B 119 -12.37 -3.76 5.21
CA ARG B 119 -13.59 -3.20 5.76
C ARG B 119 -14.51 -2.75 4.62
N PRO B 120 -15.79 -3.09 4.64
CA PRO B 120 -16.70 -2.61 3.59
C PRO B 120 -16.80 -1.10 3.60
N VAL B 121 -16.90 -0.52 2.40
CA VAL B 121 -16.99 0.93 2.27
C VAL B 121 -18.43 1.41 2.35
N SER B 122 -19.38 0.64 1.82
CA SER B 122 -20.76 1.05 1.73
C SER B 122 -21.53 0.72 3.00
N ASP B 123 -22.58 1.49 3.26
CA ASP B 123 -23.49 1.18 4.36
C ASP B 123 -24.35 -0.04 4.01
N LYS B 124 -24.77 -0.16 2.76
CA LYS B 124 -25.49 -1.33 2.28
C LYS B 124 -24.46 -2.37 1.84
N VAL B 125 -24.40 -3.48 2.56
CA VAL B 125 -23.40 -4.52 2.28
C VAL B 125 -24.08 -5.88 2.31
N LEU B 126 -23.54 -6.79 1.50
CA LEU B 126 -23.99 -8.18 1.44
C LEU B 126 -22.74 -9.05 1.44
N PHE B 127 -22.59 -9.87 2.48
CA PHE B 127 -21.37 -10.61 2.67
C PHE B 127 -21.42 -11.96 1.96
N VAL B 128 -20.24 -12.49 1.64
CA VAL B 128 -20.10 -13.77 0.94
C VAL B 128 -18.86 -14.48 1.45
N GLU B 129 -18.85 -15.82 1.29
CA GLU B 129 -17.80 -16.64 1.88
C GLU B 129 -16.53 -16.66 1.01
N ASN B 130 -16.68 -16.70 -0.31
CA ASN B 130 -15.55 -16.80 -1.21
C ASN B 130 -15.76 -15.86 -2.38
N PHE B 131 -14.80 -15.86 -3.31
CA PHE B 131 -14.87 -14.97 -4.46
C PHE B 131 -15.90 -15.45 -5.48
N ASP B 132 -16.09 -16.77 -5.61
CA ASP B 132 -17.11 -17.29 -6.52
C ASP B 132 -18.47 -16.68 -6.20
N ASP B 133 -18.87 -16.73 -4.92
CA ASP B 133 -20.17 -16.21 -4.53
C ASP B 133 -20.28 -14.70 -4.76
N MET B 134 -19.18 -13.97 -4.61
CA MET B 134 -19.23 -12.53 -4.84
C MET B 134 -19.57 -12.22 -6.29
N LEU B 135 -18.84 -12.82 -7.23
CA LEU B 135 -19.08 -12.53 -8.64
C LEU B 135 -20.45 -13.03 -9.08
N ARG B 136 -20.89 -14.16 -8.55
CA ARG B 136 -22.22 -14.67 -8.89
C ARG B 136 -23.29 -13.62 -8.62
N LEU B 137 -23.14 -12.88 -7.51
CA LEU B 137 -24.11 -11.83 -7.20
C LEU B 137 -23.82 -10.55 -7.98
N VAL B 138 -22.55 -10.21 -8.16
CA VAL B 138 -22.21 -8.99 -8.88
C VAL B 138 -22.61 -9.11 -10.35
N GLU B 139 -22.31 -10.25 -10.98
CA GLU B 139 -22.75 -10.47 -12.35
C GLU B 139 -24.26 -10.38 -12.46
N ALA B 140 -24.98 -10.79 -11.41
CA ALA B 140 -26.42 -10.64 -11.35
C ALA B 140 -26.86 -9.20 -11.10
N GLY B 141 -25.91 -8.25 -11.03
CA GLY B 141 -26.26 -6.86 -10.81
C GLY B 141 -26.62 -6.52 -9.39
N VAL B 142 -26.41 -7.44 -8.45
CA VAL B 142 -26.77 -7.18 -7.06
C VAL B 142 -25.97 -6.01 -6.52
N GLY B 143 -24.72 -5.88 -6.94
CA GLY B 143 -23.87 -4.81 -6.46
C GLY B 143 -22.50 -4.89 -7.10
N TRP B 144 -21.55 -4.19 -6.49
CA TRP B 144 -20.17 -4.18 -6.95
C TRP B 144 -19.27 -4.85 -5.93
N GLY B 145 -18.04 -5.14 -6.34
CA GLY B 145 -17.10 -5.83 -5.46
C GLY B 145 -15.67 -5.62 -5.89
N ILE B 146 -14.76 -6.05 -5.01
CA ILE B 146 -13.32 -5.98 -5.23
C ILE B 146 -12.81 -7.40 -5.35
N ALA B 147 -12.26 -7.75 -6.50
CA ALA B 147 -11.79 -9.10 -6.77
C ALA B 147 -10.37 -9.09 -7.31
N PRO B 148 -9.65 -10.20 -7.16
CA PRO B 148 -8.31 -10.29 -7.75
C PRO B 148 -8.36 -10.22 -9.27
N HIS B 149 -7.21 -9.91 -9.87
CA HIS B 149 -7.14 -9.87 -11.33
C HIS B 149 -7.42 -11.24 -11.92
N TYR B 150 -6.71 -12.27 -11.43
CA TYR B 150 -6.85 -13.60 -12.02
C TYR B 150 -8.28 -14.12 -11.89
N PHE B 151 -9.00 -13.71 -10.84
CA PHE B 151 -10.35 -14.20 -10.62
C PHE B 151 -11.37 -13.54 -11.54
N VAL B 152 -10.98 -12.51 -12.28
CA VAL B 152 -11.92 -11.75 -13.10
C VAL B 152 -11.34 -11.53 -14.49
N GLU B 153 -10.17 -12.12 -14.76
CA GLU B 153 -9.51 -11.89 -16.04
C GLU B 153 -10.39 -12.34 -17.21
N GLU B 154 -11.00 -13.52 -17.09
CA GLU B 154 -11.85 -14.00 -18.18
C GLU B 154 -13.14 -13.20 -18.29
N ARG B 155 -13.85 -13.02 -17.17
CA ARG B 155 -15.11 -12.30 -17.21
C ARG B 155 -14.94 -10.89 -17.78
N LEU B 156 -13.73 -10.37 -17.77
CA LEU B 156 -13.47 -9.08 -18.41
C LEU B 156 -13.23 -9.26 -19.89
N ARG B 157 -12.38 -10.22 -20.26
CA ARG B 157 -12.12 -10.50 -21.67
C ARG B 157 -13.41 -10.76 -22.43
N ASN B 158 -14.36 -11.45 -21.81
CA ASN B 158 -15.62 -11.81 -22.44
C ASN B 158 -16.71 -10.76 -22.23
N GLY B 159 -16.35 -9.56 -21.78
CA GLY B 159 -17.32 -8.49 -21.58
C GLY B 159 -18.40 -8.83 -20.57
N THR B 160 -18.23 -9.93 -19.84
CA THR B 160 -19.22 -10.32 -18.84
C THR B 160 -19.24 -9.37 -17.66
N LEU B 161 -18.22 -8.53 -17.50
CA LEU B 161 -18.09 -7.72 -16.31
C LEU B 161 -17.29 -6.47 -16.63
N ALA B 162 -17.56 -5.40 -15.90
CA ALA B 162 -16.95 -4.10 -16.13
C ALA B 162 -16.01 -3.74 -14.99
N VAL B 163 -15.22 -2.69 -15.22
CA VAL B 163 -14.25 -2.20 -14.24
C VAL B 163 -14.56 -0.74 -13.92
N LEU B 164 -14.48 -0.40 -12.65
CA LEU B 164 -14.68 0.96 -12.18
C LEU B 164 -13.41 1.60 -11.66
N SER B 165 -12.33 0.83 -11.52
CA SER B 165 -11.12 1.28 -10.86
C SER B 165 -10.10 1.88 -11.81
N GLU B 166 -10.46 2.09 -13.08
CA GLU B 166 -9.46 2.52 -14.06
C GLU B 166 -9.03 3.96 -13.84
N LEU B 167 -9.93 4.83 -13.36
CA LEU B 167 -9.50 6.17 -12.99
C LEU B 167 -8.68 6.15 -11.71
N TYR B 168 -9.15 5.41 -10.70
CA TYR B 168 -8.47 5.40 -9.41
C TYR B 168 -7.04 4.91 -9.55
N GLU B 169 -6.86 3.73 -10.13
CA GLU B 169 -5.53 3.20 -10.40
C GLU B 169 -5.63 2.36 -11.67
N PRO B 170 -5.21 2.91 -12.82
CA PRO B 170 -5.30 2.15 -14.07
C PRO B 170 -4.54 0.83 -13.99
N GLY B 171 -5.07 -0.17 -14.68
CA GLY B 171 -4.45 -1.48 -14.72
C GLY B 171 -4.63 -2.29 -13.45
N GLY B 172 -5.59 -1.92 -12.61
CA GLY B 172 -5.80 -2.61 -11.35
C GLY B 172 -5.13 -1.87 -10.20
N ILE B 173 -5.55 -2.23 -8.99
CA ILE B 173 -5.12 -1.55 -7.78
C ILE B 173 -4.08 -2.43 -7.09
N ASP B 174 -2.82 -1.99 -7.14
CA ASP B 174 -1.73 -2.74 -6.53
C ASP B 174 -2.00 -2.96 -5.05
N THR B 175 -1.86 -4.22 -4.62
CA THR B 175 -2.08 -4.61 -3.24
C THR B 175 -0.85 -5.37 -2.76
N LYS B 176 -0.23 -4.90 -1.68
CA LYS B 176 0.92 -5.59 -1.14
C LYS B 176 0.53 -7.01 -0.75
N VAL B 177 1.46 -7.94 -0.95
CA VAL B 177 1.28 -9.33 -0.54
C VAL B 177 2.23 -9.57 0.63
N TYR B 178 1.68 -9.69 1.83
CA TYR B 178 2.49 -9.86 3.02
C TYR B 178 2.74 -11.33 3.26
N CYS B 179 3.84 -11.63 3.93
CA CYS B 179 4.19 -12.99 4.35
C CYS B 179 4.37 -12.97 5.86
N TYR B 180 3.37 -13.46 6.59
CA TYR B 180 3.49 -13.61 8.04
C TYR B 180 4.16 -14.94 8.32
N TYR B 181 5.35 -14.89 8.93
CA TYR B 181 6.14 -16.07 9.21
C TYR B 181 6.36 -16.20 10.71
N ASN B 182 6.18 -17.42 11.22
CA ASN B 182 6.46 -17.67 12.62
C ASN B 182 7.85 -17.14 12.96
N THR B 183 7.94 -16.40 14.07
CA THR B 183 9.19 -15.73 14.42
C THR B 183 10.36 -16.70 14.48
N ALA B 184 10.10 -17.97 14.84
CA ALA B 184 11.17 -18.93 14.97
C ALA B 184 11.90 -19.15 13.65
N LEU B 185 11.15 -19.16 12.54
CA LEU B 185 11.75 -19.45 11.24
C LEU B 185 12.80 -18.42 10.83
N GLU B 186 12.88 -17.29 11.53
CA GLU B 186 13.77 -16.21 11.10
C GLU B 186 15.23 -16.65 11.11
N SER B 187 15.58 -17.64 11.94
CA SER B 187 16.95 -18.14 12.05
C SER B 187 17.15 -19.44 11.28
N GLU B 188 16.57 -19.57 10.09
CA GLU B 188 16.67 -20.79 9.30
C GLU B 188 17.13 -20.46 7.89
N ARG B 189 18.25 -21.06 7.47
CA ARG B 189 18.79 -20.78 6.14
C ARG B 189 17.80 -21.16 5.04
N SER B 190 16.97 -22.18 5.28
CA SER B 190 16.01 -22.60 4.27
C SER B 190 14.95 -21.54 4.02
N PHE B 191 14.50 -20.87 5.08
CA PHE B 191 13.43 -19.88 4.94
C PHE B 191 13.89 -18.70 4.09
N LEU B 192 15.10 -18.21 4.32
CA LEU B 192 15.62 -17.10 3.53
C LEU B 192 15.69 -17.48 2.05
N ARG B 193 16.18 -18.69 1.75
CA ARG B 193 16.22 -19.15 0.38
C ARG B 193 14.83 -19.15 -0.25
N PHE B 194 13.81 -19.45 0.56
CA PHE B 194 12.43 -19.44 0.06
C PHE B 194 11.99 -18.02 -0.31
N LEU B 195 12.31 -17.03 0.53
CA LEU B 195 11.90 -15.66 0.25
C LEU B 195 12.48 -15.15 -1.06
N GLU B 196 13.80 -15.20 -1.20
CA GLU B 196 14.45 -14.68 -2.40
C GLU B 196 13.83 -15.29 -3.66
N SER B 197 13.58 -16.60 -3.64
CA SER B 197 13.00 -17.26 -4.80
C SER B 197 11.53 -16.88 -4.96
N ALA B 198 10.75 -16.99 -3.88
CA ALA B 198 9.33 -16.65 -3.95
C ALA B 198 9.14 -15.23 -4.46
N ARG B 199 9.96 -14.29 -3.99
CA ARG B 199 9.83 -12.91 -4.42
C ARG B 199 10.18 -12.76 -5.90
N GLN B 200 11.29 -13.35 -6.32
CA GLN B 200 11.72 -13.23 -7.72
C GLN B 200 10.66 -13.79 -8.66
N ARG B 201 10.12 -14.97 -8.35
CA ARG B 201 9.09 -15.56 -9.19
C ARG B 201 7.82 -14.70 -9.21
N LEU B 202 7.50 -14.08 -8.06
CA LEU B 202 6.30 -13.26 -7.97
C LEU B 202 6.40 -11.99 -8.80
N ARG B 203 7.61 -11.48 -9.02
CA ARG B 203 7.79 -10.27 -9.81
C ARG B 203 7.33 -10.47 -11.25
N GLU B 204 7.65 -11.62 -11.85
CA GLU B 204 7.37 -11.89 -13.25
C GLU B 204 5.97 -11.43 -13.67
N LEU B 205 4.97 -11.69 -12.84
CA LEU B 205 3.61 -11.26 -13.14
C LEU B 205 3.56 -9.73 -13.23
#